data_6A3X
#
_entry.id   6A3X
#
_cell.length_a   85.760
_cell.length_b   139.484
_cell.length_c   111.178
_cell.angle_alpha   90.000
_cell.angle_beta   90.000
_cell.angle_gamma   90.000
#
_symmetry.space_group_name_H-M   'C 2 2 21'
#
loop_
_entity.id
_entity.type
_entity.pdbx_description
1 polymer 'Sesquisabinene B synthase 1'
2 non-polymer Sabinene
3 non-polymer 'SULFATE ION'
4 water water
#
_entity_poly.entity_id   1
_entity_poly.type   'polypeptide(L)'
_entity_poly.pdbx_seq_one_letter_code
;MDLCQIPPTSPISPSVPFNGDDSSVVRRSANYPANLWDYDFLQSLGRHSSVTEEHVGLAEKLKGEVKSLITGPMEPLAKL
EFIDSVRRLGLKYQFETEMKEALANISKDGYDSWWVDNLRATALRFRLLRENGIFVPQDVFERFQNKETGKFKNELCEDV
KGLLNLYEASFLGWEGEDILDEARTFSTAQLKNVEGKISSPNLAKIVHHALDLPLHWRAIRYEARWFIDIYEDEEDMNPT
LLKYAKLDFNIVQSFHQAEIGRLARWWVGTGLDKLPFARNGLIQSYMYAIGMLFEPHLGEVREMEAKVGALITTIDDVYD
VYGTMEELELFTDITERWDINRVDQLPRNIRMPLLTMFNTSNDIGYWALKERGFNGIPYTAKVWADQLKSYTKEAKWFHE
GHKPTLEEYLENALVSIGFPNLLVTSYLLTVDNPTKEKLDYVDSLPLFVRASCILCRIINDLGTSPDEMERGDNLKSIQC
YMNETGASQEVAREHIEGLVRMWWKRLNKCLFEPSPFTEPFLSFTINVVRGSHFFYQYGDGYGNAESWTKNQGMSVLIHP
ITLDEE
;
_entity_poly.pdbx_strand_id   A
#
# COMPACT_ATOMS: atom_id res chain seq x y z
N ALA A 34 11.12 -6.89 -24.44
CA ALA A 34 10.90 -6.13 -23.17
C ALA A 34 9.79 -5.09 -23.39
N ASN A 35 8.53 -5.48 -23.11
CA ASN A 35 7.36 -4.56 -23.16
C ASN A 35 6.37 -5.01 -22.08
N LEU A 36 6.09 -4.17 -21.10
CA LEU A 36 5.22 -4.53 -19.95
C LEU A 36 3.79 -4.87 -20.37
N TRP A 37 3.36 -4.43 -21.55
CA TRP A 37 1.95 -4.61 -21.95
C TRP A 37 1.79 -5.78 -22.91
N ASP A 38 2.87 -6.47 -23.23
CA ASP A 38 2.80 -7.56 -24.25
C ASP A 38 2.73 -8.93 -23.56
N TYR A 39 1.67 -9.69 -23.85
CA TYR A 39 1.48 -10.99 -23.15
C TYR A 39 2.43 -12.06 -23.64
N ASP A 40 2.92 -11.96 -24.87
CA ASP A 40 3.96 -12.93 -25.33
C ASP A 40 5.19 -12.76 -24.44
N PHE A 41 5.59 -11.50 -24.23
CA PHE A 41 6.76 -11.23 -23.37
C PHE A 41 6.44 -11.67 -21.94
N LEU A 42 5.28 -11.26 -21.43
CA LEU A 42 4.95 -11.57 -20.02
C LEU A 42 4.87 -13.09 -19.80
N GLN A 43 4.28 -13.84 -20.73
CA GLN A 43 4.10 -15.31 -20.54
C GLN A 43 5.46 -16.01 -20.57
N SER A 44 6.49 -15.33 -21.09
CA SER A 44 7.85 -15.91 -21.18
C SER A 44 8.63 -15.66 -19.89
N LEU A 45 8.13 -14.78 -19.02
CA LEU A 45 8.86 -14.46 -17.77
C LEU A 45 8.89 -15.68 -16.85
N GLY A 46 9.99 -15.86 -16.12
CA GLY A 46 10.18 -17.04 -15.27
C GLY A 46 11.04 -18.10 -15.93
N ARG A 47 10.93 -18.25 -17.26
CA ARG A 47 11.69 -19.26 -18.05
C ARG A 47 13.19 -19.13 -17.71
N HIS A 48 13.73 -17.91 -17.81
CA HIS A 48 15.16 -17.58 -17.56
C HIS A 48 15.25 -16.51 -16.47
N SER A 49 16.38 -16.48 -15.77
CA SER A 49 16.74 -15.42 -14.80
C SER A 49 18.27 -15.34 -14.70
N SER A 50 18.81 -14.12 -14.65
CA SER A 50 20.26 -13.84 -14.46
C SER A 50 20.67 -14.00 -12.99
N VAL A 51 19.73 -14.39 -12.11
CA VAL A 51 20.01 -14.70 -10.68
C VAL A 51 20.55 -16.13 -10.57
N THR A 52 21.79 -16.28 -10.08
CA THR A 52 22.54 -17.57 -9.94
C THR A 52 22.54 -18.01 -8.47
N GLU A 53 22.87 -19.26 -8.19
CA GLU A 53 23.02 -19.78 -6.79
C GLU A 53 24.32 -19.22 -6.18
N GLU A 54 25.23 -18.70 -7.02
CA GLU A 54 26.34 -17.81 -6.55
C GLU A 54 25.71 -16.64 -5.80
N HIS A 55 24.79 -15.94 -6.48
CA HIS A 55 24.14 -14.70 -5.99
C HIS A 55 23.47 -14.97 -4.63
N VAL A 56 22.93 -16.18 -4.46
CA VAL A 56 22.10 -16.59 -3.29
C VAL A 56 23.02 -16.87 -2.08
N GLY A 57 24.10 -17.63 -2.27
CA GLY A 57 25.11 -17.84 -1.21
C GLY A 57 25.72 -16.53 -0.76
N LEU A 58 26.02 -15.65 -1.70
CA LEU A 58 26.56 -14.29 -1.44
C LEU A 58 25.54 -13.49 -0.63
N ALA A 59 24.25 -13.60 -0.97
CA ALA A 59 23.15 -12.93 -0.24
C ALA A 59 23.11 -13.45 1.20
N GLU A 60 23.28 -14.76 1.42
CA GLU A 60 23.25 -15.34 2.78
C GLU A 60 24.40 -14.74 3.60
N LYS A 61 25.59 -14.59 3.02
CA LYS A 61 26.76 -14.04 3.78
C LYS A 61 26.54 -12.54 4.08
N LEU A 62 26.13 -11.76 3.10
CA LEU A 62 25.83 -10.31 3.29
C LEU A 62 24.70 -10.12 4.32
N LYS A 63 23.62 -10.91 4.25
CA LYS A 63 22.56 -10.85 5.27
C LYS A 63 23.12 -10.97 6.69
N GLY A 64 24.05 -11.91 6.93
CA GLY A 64 24.63 -12.11 8.27
C GLY A 64 25.40 -10.88 8.77
N GLU A 65 26.11 -10.20 7.87
CA GLU A 65 26.84 -8.96 8.24
C GLU A 65 25.85 -7.81 8.49
N VAL A 66 24.80 -7.69 7.68
CA VAL A 66 23.83 -6.59 7.91
C VAL A 66 23.17 -6.85 9.27
N LYS A 67 22.78 -8.10 9.54
CA LYS A 67 22.16 -8.51 10.82
C LYS A 67 23.09 -8.09 11.96
N SER A 68 24.38 -8.35 11.81
CA SER A 68 25.37 -8.02 12.85
C SER A 68 25.49 -6.51 13.01
N LEU A 69 25.44 -5.75 11.90
CA LEU A 69 25.53 -4.27 11.97
C LEU A 69 24.34 -3.73 12.76
N ILE A 70 23.14 -4.26 12.50
CA ILE A 70 21.91 -3.79 13.21
C ILE A 70 22.01 -4.06 14.72
N THR A 71 22.51 -5.23 15.13
CA THR A 71 22.53 -5.67 16.55
C THR A 71 23.78 -5.08 17.24
N GLY A 72 24.78 -4.69 16.46
CA GLY A 72 26.14 -4.42 16.96
C GLY A 72 26.33 -2.99 17.42
N PRO A 73 27.53 -2.66 17.94
CA PRO A 73 27.81 -1.32 18.42
C PRO A 73 27.69 -0.26 17.33
N MET A 74 27.08 0.85 17.72
CA MET A 74 27.01 2.07 16.93
C MET A 74 26.55 3.16 17.88
N GLU A 75 26.87 4.41 17.60
CA GLU A 75 26.22 5.54 18.31
C GLU A 75 24.74 5.55 17.94
N PRO A 76 23.84 5.93 18.89
CA PRO A 76 22.41 5.69 18.73
C PRO A 76 21.80 6.39 17.50
N LEU A 77 22.19 7.64 17.22
CA LEU A 77 21.63 8.37 16.06
C LEU A 77 22.07 7.66 14.78
N ALA A 78 23.34 7.29 14.68
CA ALA A 78 23.88 6.53 13.52
C ALA A 78 23.11 5.23 13.42
N LYS A 79 22.74 4.62 14.55
CA LYS A 79 21.98 3.34 14.55
C LYS A 79 20.56 3.60 14.01
N LEU A 80 19.93 4.70 14.42
CA LEU A 80 18.56 5.05 13.92
C LEU A 80 18.65 5.25 12.42
N GLU A 81 19.67 5.97 11.97
CA GLU A 81 19.87 6.28 10.52
C GLU A 81 20.07 4.98 9.72
N PHE A 82 20.85 4.03 10.25
CA PHE A 82 21.14 2.72 9.60
C PHE A 82 19.83 1.93 9.50
N ILE A 83 19.07 1.86 10.59
CA ILE A 83 17.79 1.10 10.62
C ILE A 83 16.80 1.74 9.63
N ASP A 84 16.77 3.07 9.55
CA ASP A 84 15.85 3.76 8.61
C ASP A 84 16.26 3.41 7.18
N SER A 85 17.57 3.39 6.93
CA SER A 85 18.08 3.03 5.59
C SER A 85 17.68 1.58 5.23
N VAL A 86 17.86 0.64 6.16
CA VAL A 86 17.46 -0.78 5.92
C VAL A 86 15.99 -0.83 5.47
N ARG A 87 15.12 -0.16 6.21
CA ARG A 87 13.68 -0.13 5.86
C ARG A 87 13.46 0.47 4.46
N ARG A 88 14.10 1.61 4.19
CA ARG A 88 13.83 2.31 2.91
C ARG A 88 14.35 1.51 1.72
N LEU A 89 15.38 0.69 1.95
CA LEU A 89 15.92 -0.20 0.90
C LEU A 89 15.04 -1.43 0.72
N GLY A 90 13.94 -1.53 1.48
CA GLY A 90 12.97 -2.63 1.31
C GLY A 90 13.33 -3.89 2.06
N LEU A 91 14.14 -3.76 3.12
CA LEU A 91 14.71 -4.97 3.78
C LEU A 91 14.19 -5.20 5.21
N LYS A 92 13.21 -4.42 5.66
CA LYS A 92 12.66 -4.64 7.01
C LYS A 92 12.23 -6.11 7.10
N TYR A 93 11.69 -6.68 6.04
CA TYR A 93 11.14 -8.06 6.07
C TYR A 93 12.24 -9.05 6.45
N GLN A 94 13.52 -8.69 6.22
CA GLN A 94 14.66 -9.61 6.45
C GLN A 94 15.17 -9.50 7.89
N PHE A 95 14.94 -8.38 8.59
CA PHE A 95 15.64 -7.97 9.85
C PHE A 95 14.64 -7.44 10.91
N GLU A 96 13.38 -7.80 10.79
CA GLU A 96 12.31 -7.29 11.69
C GLU A 96 12.76 -7.40 13.16
N THR A 97 13.17 -8.59 13.57
CA THR A 97 13.46 -8.95 14.98
C THR A 97 14.65 -8.13 15.49
N GLU A 98 15.69 -8.05 14.67
CA GLU A 98 16.94 -7.31 15.02
C GLU A 98 16.62 -5.81 15.11
N MET A 99 15.80 -5.27 14.19
CA MET A 99 15.49 -3.83 14.17
C MET A 99 14.68 -3.50 15.44
N LYS A 100 13.73 -4.35 15.79
CA LYS A 100 12.87 -4.13 17.00
C LYS A 100 13.76 -4.20 18.24
N GLU A 101 14.61 -5.22 18.32
CA GLU A 101 15.55 -5.47 19.45
C GLU A 101 16.46 -4.25 19.62
N ALA A 102 17.05 -3.73 18.54
CA ALA A 102 17.93 -2.55 18.58
C ALA A 102 17.16 -1.31 19.05
N LEU A 103 15.96 -1.06 18.55
CA LEU A 103 15.21 0.16 18.91
C LEU A 103 14.73 0.07 20.37
N ALA A 104 14.32 -1.12 20.80
CA ALA A 104 13.89 -1.39 22.20
C ALA A 104 15.06 -1.03 23.12
N ASN A 105 16.26 -1.46 22.78
CA ASN A 105 17.46 -1.14 23.59
C ASN A 105 17.63 0.37 23.63
N ILE A 106 17.52 1.03 22.48
CA ILE A 106 17.68 2.50 22.39
C ILE A 106 16.57 3.20 23.19
N SER A 107 15.34 2.72 23.11
CA SER A 107 14.20 3.41 23.78
C SER A 107 14.40 3.38 25.29
N LYS A 108 14.97 2.28 25.80
CA LYS A 108 15.19 2.12 27.25
C LYS A 108 16.64 2.50 27.51
N ASP A 109 16.97 3.78 27.37
CA ASP A 109 18.39 4.16 27.48
C ASP A 109 18.61 4.84 28.83
N GLY A 110 18.01 6.00 29.03
CA GLY A 110 18.29 6.76 30.26
C GLY A 110 19.12 7.94 29.83
N TYR A 111 20.10 7.68 28.97
CA TYR A 111 20.90 8.80 28.39
C TYR A 111 20.10 9.33 27.21
N ASP A 112 19.84 10.63 27.20
CA ASP A 112 18.97 11.21 26.14
C ASP A 112 19.68 12.41 25.55
N SER A 113 20.90 12.69 25.98
CA SER A 113 21.61 13.89 25.51
C SER A 113 21.87 13.77 24.01
N TRP A 114 21.87 12.54 23.50
CA TRP A 114 22.17 12.32 22.08
C TRP A 114 21.04 12.88 21.19
N TRP A 115 19.85 13.03 21.75
CA TRP A 115 18.70 13.54 20.93
C TRP A 115 18.06 14.79 21.52
N VAL A 116 17.91 14.87 22.86
CA VAL A 116 17.18 16.02 23.48
C VAL A 116 17.81 17.32 22.98
N ASP A 117 16.98 18.23 22.50
CA ASP A 117 17.36 19.57 21.95
C ASP A 117 17.94 19.46 20.53
N ASN A 118 17.84 18.31 19.87
CA ASN A 118 18.28 18.14 18.46
C ASN A 118 17.04 17.72 17.64
N LEU A 119 16.48 18.64 16.85
CA LEU A 119 15.19 18.37 16.15
C LEU A 119 15.36 17.13 15.27
N ARG A 120 16.43 17.07 14.47
CA ARG A 120 16.69 15.94 13.56
C ARG A 120 16.66 14.63 14.36
N ALA A 121 17.39 14.54 15.47
CA ALA A 121 17.49 13.28 16.24
C ALA A 121 16.16 13.00 16.94
N THR A 122 15.53 14.03 17.50
CA THR A 122 14.26 13.88 18.27
C THR A 122 13.21 13.29 17.31
N ALA A 123 13.12 13.88 16.14
CA ALA A 123 12.09 13.55 15.12
C ALA A 123 12.32 12.14 14.56
N LEU A 124 13.57 11.78 14.24
CA LEU A 124 13.89 10.42 13.74
C LEU A 124 13.56 9.39 14.82
N ARG A 125 13.97 9.65 16.06
CA ARG A 125 13.72 8.69 17.15
C ARG A 125 12.22 8.49 17.30
N PHE A 126 11.46 9.58 17.32
CA PHE A 126 10.00 9.57 17.50
C PHE A 126 9.36 8.67 16.44
N ARG A 127 9.74 8.91 15.20
CA ARG A 127 9.14 8.12 14.09
C ARG A 127 9.55 6.66 14.18
N LEU A 128 10.85 6.33 14.27
CA LEU A 128 11.26 4.91 14.22
C LEU A 128 10.68 4.13 15.41
N LEU A 129 10.67 4.72 16.60
CA LEU A 129 10.06 4.03 17.77
C LEU A 129 8.57 3.83 17.51
N ARG A 130 7.84 4.86 17.09
CA ARG A 130 6.38 4.66 16.84
C ARG A 130 6.15 3.61 15.73
N GLU A 131 6.93 3.63 14.67
CA GLU A 131 6.79 2.62 13.57
C GLU A 131 6.92 1.20 14.10
N ASN A 132 7.66 1.02 15.19
CA ASN A 132 8.08 -0.31 15.71
C ASN A 132 7.38 -0.57 17.03
N GLY A 133 6.26 0.11 17.29
CA GLY A 133 5.33 -0.21 18.38
C GLY A 133 5.83 0.25 19.74
N ILE A 134 6.76 1.19 19.76
CA ILE A 134 7.27 1.83 21.02
C ILE A 134 6.71 3.24 21.08
N PHE A 135 5.88 3.54 22.08
CA PHE A 135 5.18 4.85 22.16
C PHE A 135 6.18 5.94 22.52
N VAL A 136 6.15 7.04 21.78
CA VAL A 136 6.81 8.31 22.15
C VAL A 136 5.73 9.37 22.16
N PRO A 137 5.61 10.19 23.23
CA PRO A 137 4.59 11.22 23.27
C PRO A 137 4.96 12.40 22.36
N GLN A 138 3.94 13.10 21.88
CA GLN A 138 4.11 14.28 21.01
C GLN A 138 4.85 15.38 21.78
N ASP A 139 4.76 15.42 23.11
CA ASP A 139 5.39 16.55 23.87
C ASP A 139 6.93 16.57 23.71
N VAL A 140 7.58 15.54 23.16
CA VAL A 140 9.02 15.60 22.79
C VAL A 140 9.28 16.79 21.85
N PHE A 141 8.26 17.31 21.17
CA PHE A 141 8.44 18.43 20.22
C PHE A 141 8.14 19.79 20.87
N GLU A 142 7.59 19.81 22.08
CA GLU A 142 7.13 21.08 22.74
C GLU A 142 8.28 22.08 22.87
N ARG A 143 9.48 21.61 23.14
CA ARG A 143 10.66 22.49 23.36
C ARG A 143 11.01 23.23 22.06
N PHE A 144 10.55 22.76 20.89
CA PHE A 144 10.84 23.44 19.60
C PHE A 144 9.73 24.43 19.25
N GLN A 145 8.77 24.62 20.15
CA GLN A 145 7.68 25.57 19.90
C GLN A 145 7.80 26.82 20.78
N ASN A 146 7.18 27.93 20.35
CA ASN A 146 7.11 29.14 21.20
C ASN A 146 5.99 28.88 22.20
N LYS A 147 6.28 29.03 23.50
CA LYS A 147 5.28 28.68 24.54
C LYS A 147 4.03 29.57 24.49
N GLU A 148 4.09 30.69 23.80
CA GLU A 148 2.92 31.61 23.80
C GLU A 148 2.01 31.38 22.60
N THR A 149 2.55 30.96 21.45
CA THR A 149 1.71 30.85 20.23
C THR A 149 1.46 29.38 19.88
N GLY A 150 2.30 28.47 20.36
CA GLY A 150 2.17 27.06 19.97
C GLY A 150 2.77 26.84 18.61
N LYS A 151 3.40 27.88 18.07
CA LYS A 151 3.97 27.78 16.72
C LYS A 151 5.42 27.32 16.81
N PHE A 152 5.89 26.53 15.84
CA PHE A 152 7.31 26.12 15.84
C PHE A 152 8.19 27.38 15.66
N LYS A 153 9.38 27.35 16.26
CA LYS A 153 10.31 28.52 16.29
C LYS A 153 10.90 28.75 14.89
N ASN A 154 11.04 30.02 14.49
CA ASN A 154 11.51 30.37 13.12
C ASN A 154 12.99 29.98 12.95
N GLU A 155 13.73 29.74 14.05
CA GLU A 155 15.16 29.36 14.01
C GLU A 155 15.32 27.95 13.41
N LEU A 156 14.22 27.19 13.33
CA LEU A 156 14.23 25.81 12.76
C LEU A 156 14.10 25.91 11.24
N CYS A 157 13.72 27.09 10.75
CA CYS A 157 13.35 27.35 9.32
C CYS A 157 14.57 27.16 8.39
N GLU A 158 15.73 26.80 8.94
CA GLU A 158 17.02 26.72 8.18
C GLU A 158 17.62 25.31 8.30
N ASP A 159 17.14 24.50 9.25
CA ASP A 159 17.67 23.15 9.56
C ASP A 159 16.96 22.13 8.64
N VAL A 160 17.48 21.88 7.44
CA VAL A 160 16.70 21.16 6.40
C VAL A 160 16.45 19.73 6.88
N LYS A 161 17.47 19.04 7.41
CA LYS A 161 17.33 17.62 7.80
C LYS A 161 16.43 17.52 9.03
N GLY A 162 16.45 18.55 9.90
CA GLY A 162 15.54 18.65 11.05
C GLY A 162 14.10 18.76 10.59
N LEU A 163 13.84 19.71 9.69
CA LEU A 163 12.51 19.94 9.09
C LEU A 163 12.04 18.66 8.42
N LEU A 164 12.92 18.01 7.65
CA LEU A 164 12.58 16.79 6.88
C LEU A 164 12.14 15.68 7.86
N ASN A 165 12.92 15.48 8.92
CA ASN A 165 12.63 14.44 9.93
C ASN A 165 11.32 14.78 10.64
N LEU A 166 11.05 16.07 10.93
CA LEU A 166 9.82 16.47 11.62
C LEU A 166 8.61 16.24 10.71
N TYR A 167 8.72 16.59 9.44
CA TYR A 167 7.68 16.31 8.42
C TYR A 167 7.37 14.81 8.42
N GLU A 168 8.38 13.96 8.23
CA GLU A 168 8.16 12.49 8.09
C GLU A 168 7.57 11.95 9.41
N ALA A 169 8.06 12.44 10.56
CA ALA A 169 7.52 12.03 11.89
C ALA A 169 6.04 12.40 12.04
N SER A 170 5.60 13.54 11.54
CA SER A 170 4.25 14.07 11.81
C SER A 170 3.19 13.08 11.32
N PHE A 171 3.50 12.25 10.30
CA PHE A 171 2.52 11.29 9.73
C PHE A 171 2.34 10.07 10.66
N LEU A 172 3.12 9.92 11.73
CA LEU A 172 2.91 8.82 12.70
C LEU A 172 1.96 9.29 13.81
N GLY A 173 1.36 10.46 13.67
CA GLY A 173 0.49 11.05 14.71
C GLY A 173 -0.89 10.42 14.74
N TRP A 174 -1.58 10.63 15.86
CA TRP A 174 -2.95 10.14 16.13
C TRP A 174 -3.90 11.34 16.23
N GLU A 175 -5.18 11.05 16.22
CA GLU A 175 -6.22 12.10 16.42
C GLU A 175 -5.97 12.80 17.76
N GLY A 176 -6.09 14.14 17.76
CA GLY A 176 -5.96 15.00 18.95
C GLY A 176 -4.53 15.26 19.36
N GLU A 177 -3.54 14.81 18.58
CA GLU A 177 -2.12 15.12 18.85
C GLU A 177 -1.80 16.41 18.12
N ASP A 178 -2.23 17.53 18.71
CA ASP A 178 -2.29 18.88 18.08
C ASP A 178 -0.87 19.34 17.70
N ILE A 179 0.15 18.95 18.46
CA ILE A 179 1.56 19.36 18.19
C ILE A 179 1.99 18.74 16.86
N LEU A 180 1.54 17.52 16.57
CA LEU A 180 1.96 16.82 15.33
C LEU A 180 1.19 17.39 14.13
N ASP A 181 -0.08 17.77 14.28
CA ASP A 181 -0.88 18.49 13.25
C ASP A 181 -0.15 19.80 12.91
N GLU A 182 0.27 20.53 13.94
CA GLU A 182 1.09 21.76 13.72
C GLU A 182 2.43 21.39 13.04
N ALA A 183 3.13 20.36 13.51
CA ALA A 183 4.42 19.93 12.95
C ALA A 183 4.25 19.68 11.44
N ARG A 184 3.14 19.05 11.04
CA ARG A 184 2.92 18.80 9.59
C ARG A 184 2.81 20.13 8.83
N THR A 185 1.98 21.05 9.28
CA THR A 185 1.69 22.26 8.48
C THR A 185 2.95 23.15 8.49
N PHE A 186 3.61 23.28 9.63
CA PHE A 186 4.89 24.04 9.76
C PHE A 186 5.96 23.45 8.82
N SER A 187 6.26 22.16 8.96
CA SER A 187 7.39 21.52 8.24
C SER A 187 7.08 21.49 6.75
N THR A 188 5.81 21.30 6.34
CA THR A 188 5.45 21.30 4.91
C THR A 188 5.75 22.70 4.33
N ALA A 189 5.28 23.74 4.99
CA ALA A 189 5.47 25.14 4.53
C ALA A 189 6.96 25.44 4.45
N GLN A 190 7.74 25.08 5.47
CA GLN A 190 9.18 25.44 5.57
C GLN A 190 9.95 24.65 4.50
N LEU A 191 9.68 23.35 4.36
CA LEU A 191 10.37 22.57 3.32
C LEU A 191 10.07 23.16 1.93
N LYS A 192 8.81 23.50 1.63
CA LYS A 192 8.46 24.12 0.32
C LYS A 192 9.32 25.38 0.14
N ASN A 193 9.57 26.10 1.22
CA ASN A 193 10.29 27.40 1.13
C ASN A 193 11.79 27.17 0.96
N VAL A 194 12.35 26.15 1.58
CA VAL A 194 13.82 25.97 1.57
C VAL A 194 14.28 24.95 0.51
N GLU A 195 13.36 24.25 -0.15
CA GLU A 195 13.77 23.19 -1.11
C GLU A 195 14.76 23.78 -2.12
N GLY A 196 14.46 24.95 -2.66
CA GLY A 196 15.33 25.56 -3.68
C GLY A 196 16.63 26.09 -3.13
N LYS A 197 16.81 26.11 -1.81
CA LYS A 197 18.04 26.66 -1.18
C LYS A 197 19.02 25.56 -0.82
N ILE A 198 18.63 24.30 -1.03
CA ILE A 198 19.49 23.16 -0.65
C ILE A 198 20.69 23.04 -1.61
N SER A 199 21.89 22.88 -1.07
CA SER A 199 23.14 22.72 -1.86
C SER A 199 23.34 21.28 -2.33
N SER A 200 23.09 20.31 -1.46
CA SER A 200 23.30 18.88 -1.76
C SER A 200 22.24 18.43 -2.77
N PRO A 201 22.60 18.01 -3.99
CA PRO A 201 21.60 17.54 -4.95
C PRO A 201 20.80 16.33 -4.41
N ASN A 202 21.47 15.42 -3.72
CA ASN A 202 20.79 14.21 -3.14
C ASN A 202 19.72 14.65 -2.13
N LEU A 203 20.08 15.51 -1.19
CA LEU A 203 19.12 16.04 -0.20
C LEU A 203 17.97 16.75 -0.91
N ALA A 204 18.24 17.56 -1.93
CA ALA A 204 17.17 18.23 -2.70
C ALA A 204 16.20 17.18 -3.27
N LYS A 205 16.71 16.12 -3.87
CA LYS A 205 15.86 15.05 -4.47
C LYS A 205 14.99 14.45 -3.38
N ILE A 206 15.60 14.16 -2.24
CA ILE A 206 14.91 13.53 -1.08
C ILE A 206 13.79 14.45 -0.61
N VAL A 207 14.04 15.74 -0.47
CA VAL A 207 13.00 16.68 -0.02
C VAL A 207 11.87 16.79 -1.06
N HIS A 208 12.18 16.91 -2.36
CA HIS A 208 11.16 16.90 -3.43
C HIS A 208 10.30 15.62 -3.30
N HIS A 209 10.96 14.48 -3.09
CA HIS A 209 10.28 13.16 -2.98
C HIS A 209 9.32 13.21 -1.79
N ALA A 210 9.79 13.72 -0.66
CA ALA A 210 8.99 13.79 0.59
C ALA A 210 7.77 14.68 0.37
N LEU A 211 7.93 15.85 -0.25
CA LEU A 211 6.80 16.79 -0.42
C LEU A 211 5.76 16.15 -1.36
N ASP A 212 6.16 15.28 -2.27
CA ASP A 212 5.20 14.56 -3.13
C ASP A 212 4.40 13.58 -2.27
N LEU A 213 5.09 12.73 -1.52
CA LEU A 213 4.44 11.78 -0.57
C LEU A 213 5.41 11.53 0.56
N PRO A 214 4.95 11.59 1.83
CA PRO A 214 5.79 11.20 2.94
C PRO A 214 6.09 9.70 2.87
N LEU A 215 7.19 9.30 3.48
CA LEU A 215 7.64 7.90 3.46
C LEU A 215 6.56 7.00 4.05
N HIS A 216 5.86 7.44 5.10
CA HIS A 216 4.80 6.62 5.75
C HIS A 216 3.74 6.23 4.73
N TRP A 217 3.55 7.03 3.68
CA TRP A 217 2.46 6.80 2.70
C TRP A 217 2.97 6.09 1.43
N ARG A 218 4.25 5.79 1.35
CA ARG A 218 4.85 5.22 0.13
C ARG A 218 4.81 3.69 0.14
N ALA A 219 4.62 3.10 -1.04
CA ALA A 219 4.64 1.63 -1.21
C ALA A 219 6.08 1.14 -1.09
N ILE A 220 6.26 0.11 -0.26
CA ILE A 220 7.60 -0.37 0.16
C ILE A 220 8.46 -0.75 -1.07
N ARG A 221 7.96 -1.58 -1.97
CA ARG A 221 8.78 -2.20 -3.04
C ARG A 221 9.21 -1.12 -4.02
N TYR A 222 8.30 -0.19 -4.33
CA TYR A 222 8.57 0.89 -5.29
C TYR A 222 9.56 1.87 -4.68
N GLU A 223 9.41 2.18 -3.40
CA GLU A 223 10.33 3.12 -2.69
C GLU A 223 11.71 2.46 -2.63
N ALA A 224 11.79 1.15 -2.45
CA ALA A 224 13.08 0.44 -2.34
C ALA A 224 13.86 0.66 -3.64
N ARG A 225 13.19 0.51 -4.78
CA ARG A 225 13.94 0.61 -6.06
C ARG A 225 14.43 2.06 -6.24
N TRP A 226 13.62 3.06 -5.90
CA TRP A 226 14.00 4.49 -5.96
C TRP A 226 15.19 4.74 -5.01
N PHE A 227 15.07 4.24 -3.78
CA PHE A 227 16.02 4.60 -2.71
C PHE A 227 17.39 3.89 -2.90
N ILE A 228 17.43 2.75 -3.56
CA ILE A 228 18.72 2.05 -3.81
C ILE A 228 19.63 3.03 -4.57
N ASP A 229 19.11 3.73 -5.56
CA ASP A 229 19.96 4.68 -6.36
C ASP A 229 20.33 5.90 -5.52
N ILE A 230 19.39 6.42 -4.71
CA ILE A 230 19.63 7.59 -3.83
C ILE A 230 20.69 7.22 -2.79
N TYR A 231 20.54 6.04 -2.17
CA TYR A 231 21.42 5.61 -1.06
C TYR A 231 22.86 5.52 -1.55
N GLU A 232 23.03 4.99 -2.74
CA GLU A 232 24.37 4.80 -3.32
C GLU A 232 25.13 6.13 -3.34
N ASP A 233 24.42 7.27 -3.45
CA ASP A 233 25.02 8.63 -3.56
C ASP A 233 25.01 9.34 -2.20
N GLU A 234 24.61 8.69 -1.11
CA GLU A 234 24.58 9.32 0.24
C GLU A 234 26.02 9.32 0.80
N GLU A 235 26.36 10.35 1.55
CA GLU A 235 27.69 10.54 2.21
C GLU A 235 27.94 9.38 3.18
N ASP A 236 26.93 9.05 3.99
CA ASP A 236 27.00 8.08 5.10
C ASP A 236 26.83 6.64 4.59
N MET A 237 26.76 6.42 3.27
CA MET A 237 26.33 5.13 2.65
C MET A 237 27.21 3.98 3.16
N ASN A 238 26.62 2.86 3.57
CA ASN A 238 27.35 1.64 3.95
C ASN A 238 27.42 0.73 2.73
N PRO A 239 28.61 0.45 2.15
CA PRO A 239 28.66 -0.34 0.93
C PRO A 239 28.14 -1.78 1.11
N THR A 240 28.33 -2.40 2.30
CA THR A 240 27.84 -3.77 2.56
C THR A 240 26.30 -3.75 2.45
N LEU A 241 25.68 -2.78 3.11
CA LEU A 241 24.20 -2.67 3.07
C LEU A 241 23.75 -2.45 1.61
N LEU A 242 24.38 -1.51 0.90
CA LEU A 242 23.99 -1.23 -0.50
C LEU A 242 24.08 -2.50 -1.35
N LYS A 243 25.20 -3.24 -1.26
CA LYS A 243 25.38 -4.48 -2.05
C LYS A 243 24.26 -5.48 -1.73
N TYR A 244 23.97 -5.65 -0.45
CA TYR A 244 22.92 -6.61 0.01
C TYR A 244 21.60 -6.15 -0.60
N ALA A 245 21.36 -4.85 -0.57
CA ALA A 245 20.08 -4.30 -1.04
C ALA A 245 19.89 -4.59 -2.52
N LYS A 246 20.97 -4.45 -3.32
CA LYS A 246 20.91 -4.69 -4.78
C LYS A 246 20.68 -6.19 -5.04
N LEU A 247 21.39 -7.06 -4.31
CA LEU A 247 21.34 -8.52 -4.51
C LEU A 247 19.97 -9.04 -4.11
N ASP A 248 19.54 -8.66 -2.93
CA ASP A 248 18.21 -9.07 -2.42
C ASP A 248 17.15 -8.54 -3.38
N PHE A 249 17.31 -7.32 -3.88
CA PHE A 249 16.31 -6.75 -4.83
C PHE A 249 16.19 -7.67 -6.05
N ASN A 250 17.31 -8.07 -6.63
CA ASN A 250 17.33 -8.94 -7.83
C ASN A 250 16.76 -10.33 -7.54
N ILE A 251 17.07 -10.91 -6.38
CA ILE A 251 16.60 -12.26 -6.00
C ILE A 251 15.07 -12.18 -5.87
N VAL A 252 14.59 -11.18 -5.12
CA VAL A 252 13.12 -11.04 -4.96
C VAL A 252 12.51 -10.85 -6.35
N GLN A 253 13.11 -10.01 -7.19
CA GLN A 253 12.52 -9.69 -8.51
C GLN A 253 12.42 -10.97 -9.35
N SER A 254 13.32 -11.93 -9.16
CA SER A 254 13.26 -13.23 -9.89
C SER A 254 11.97 -13.99 -9.53
N PHE A 255 11.54 -13.98 -8.27
CA PHE A 255 10.26 -14.59 -7.86
C PHE A 255 9.11 -13.87 -8.57
N HIS A 256 9.13 -12.53 -8.59
CA HIS A 256 8.06 -11.71 -9.21
C HIS A 256 7.95 -12.07 -10.70
N GLN A 257 9.08 -12.22 -11.40
CA GLN A 257 9.04 -12.56 -12.85
C GLN A 257 8.37 -13.93 -13.07
N ALA A 258 8.67 -14.92 -12.22
CA ALA A 258 8.06 -16.27 -12.31
C ALA A 258 6.54 -16.17 -12.05
N GLU A 259 6.12 -15.36 -11.09
CA GLU A 259 4.69 -15.09 -10.79
C GLU A 259 4.02 -14.44 -12.00
N ILE A 260 4.66 -13.44 -12.58
CA ILE A 260 4.03 -12.72 -13.71
C ILE A 260 3.81 -13.74 -14.81
N GLY A 261 4.82 -14.56 -15.09
CA GLY A 261 4.72 -15.59 -16.14
C GLY A 261 3.47 -16.41 -15.95
N ARG A 262 3.30 -16.92 -14.74
CA ARG A 262 2.18 -17.82 -14.41
C ARG A 262 0.87 -17.05 -14.58
N LEU A 263 0.81 -15.82 -14.04
CA LEU A 263 -0.42 -15.01 -14.10
C LEU A 263 -0.75 -14.61 -15.54
N ALA A 264 0.25 -14.31 -16.36
CA ALA A 264 0.01 -13.92 -17.77
C ALA A 264 -0.53 -15.13 -18.53
N ARG A 265 0.04 -16.31 -18.29
CA ARG A 265 -0.46 -17.59 -18.92
C ARG A 265 -1.91 -17.88 -18.48
N TRP A 266 -2.19 -17.68 -17.19
CA TRP A 266 -3.57 -17.80 -16.66
C TRP A 266 -4.50 -16.83 -17.40
N TRP A 267 -4.10 -15.56 -17.49
CA TRP A 267 -4.97 -14.49 -18.01
C TRP A 267 -5.28 -14.75 -19.48
N VAL A 268 -4.26 -15.05 -20.26
CA VAL A 268 -4.44 -15.45 -21.70
C VAL A 268 -5.34 -16.69 -21.74
N GLY A 269 -5.16 -17.66 -20.84
CA GLY A 269 -6.06 -18.84 -20.73
C GLY A 269 -7.52 -18.45 -20.57
N THR A 270 -7.83 -17.40 -19.82
CA THR A 270 -9.22 -16.96 -19.56
C THR A 270 -9.84 -16.34 -20.81
N GLY A 271 -9.00 -15.86 -21.75
CA GLY A 271 -9.47 -15.09 -22.90
C GLY A 271 -9.89 -13.67 -22.56
N LEU A 272 -9.77 -13.23 -21.32
CA LEU A 272 -10.25 -11.87 -20.98
C LEU A 272 -9.28 -10.81 -21.52
N ASP A 273 -8.10 -11.21 -21.94
CA ASP A 273 -7.13 -10.25 -22.54
C ASP A 273 -7.67 -9.77 -23.89
N LYS A 274 -8.54 -10.55 -24.52
CA LYS A 274 -9.05 -10.21 -25.87
C LYS A 274 -10.37 -9.46 -25.75
N LEU A 275 -10.81 -9.18 -24.53
CA LEU A 275 -12.13 -8.55 -24.34
C LEU A 275 -12.04 -7.05 -24.63
N PRO A 276 -13.13 -6.42 -25.10
CA PRO A 276 -13.12 -5.01 -25.47
C PRO A 276 -12.75 -3.96 -24.40
N PHE A 277 -12.38 -4.38 -23.19
CA PHE A 277 -12.14 -3.41 -22.10
C PHE A 277 -11.03 -3.87 -21.17
N ALA A 278 -10.87 -3.17 -20.03
CA ALA A 278 -9.83 -3.52 -19.03
C ALA A 278 -8.44 -3.65 -19.67
N ARG A 279 -8.09 -2.73 -20.56
CA ARG A 279 -6.75 -2.77 -21.18
C ARG A 279 -5.68 -2.79 -20.10
N ASN A 280 -4.79 -3.78 -20.14
CA ASN A 280 -3.65 -3.88 -19.17
C ASN A 280 -4.10 -4.21 -17.74
N GLY A 281 -5.31 -4.75 -17.57
CA GLY A 281 -5.86 -5.07 -16.23
C GLY A 281 -4.98 -6.05 -15.43
N LEU A 282 -4.48 -7.12 -16.02
CA LEU A 282 -3.65 -8.13 -15.31
C LEU A 282 -2.38 -7.47 -14.77
N ILE A 283 -1.61 -6.83 -15.65
CA ILE A 283 -0.31 -6.28 -15.19
C ILE A 283 -0.55 -5.09 -14.24
N GLN A 284 -1.61 -4.30 -14.41
CA GLN A 284 -1.99 -3.18 -13.48
C GLN A 284 -2.33 -3.78 -12.12
N SER A 285 -3.14 -4.85 -12.10
CA SER A 285 -3.46 -5.55 -10.84
C SER A 285 -2.17 -6.03 -10.18
N TYR A 286 -1.29 -6.70 -10.94
CA TYR A 286 -0.08 -7.27 -10.33
C TYR A 286 0.78 -6.16 -9.74
N MET A 287 0.88 -5.03 -10.44
CA MET A 287 1.68 -3.88 -9.93
C MET A 287 1.08 -3.32 -8.63
N TYR A 288 -0.23 -3.26 -8.54
CA TYR A 288 -0.93 -2.90 -7.28
C TYR A 288 -0.60 -3.92 -6.20
N ALA A 289 -0.69 -5.21 -6.53
CA ALA A 289 -0.47 -6.29 -5.57
C ALA A 289 0.94 -6.18 -4.96
N ILE A 290 1.92 -5.85 -5.77
CA ILE A 290 3.32 -5.69 -5.31
C ILE A 290 3.38 -4.61 -4.22
N GLY A 291 2.56 -3.55 -4.31
CA GLY A 291 2.38 -2.57 -3.22
C GLY A 291 1.83 -3.21 -1.95
N MET A 292 0.84 -4.06 -2.10
CA MET A 292 0.22 -4.75 -0.96
C MET A 292 1.23 -5.67 -0.27
N LEU A 293 1.91 -6.49 -1.04
CA LEU A 293 2.84 -7.51 -0.46
C LEU A 293 3.84 -7.90 -1.54
N PHE A 294 5.13 -7.81 -1.24
CA PHE A 294 6.17 -8.13 -2.26
C PHE A 294 7.02 -9.34 -1.84
N GLU A 295 6.94 -9.80 -0.59
CA GLU A 295 7.93 -10.81 -0.11
C GLU A 295 7.78 -12.11 -0.91
N PRO A 296 8.90 -12.80 -1.24
CA PRO A 296 8.86 -14.10 -1.90
C PRO A 296 8.01 -15.18 -1.20
N HIS A 297 8.04 -15.25 0.13
CA HIS A 297 7.31 -16.33 0.85
C HIS A 297 5.80 -16.16 0.70
N LEU A 298 5.34 -14.96 0.29
CA LEU A 298 3.90 -14.72 0.10
C LEU A 298 3.54 -14.76 -1.39
N GLY A 299 4.30 -15.48 -2.21
CA GLY A 299 4.09 -15.51 -3.66
C GLY A 299 2.71 -16.08 -4.02
N GLU A 300 2.32 -17.23 -3.48
CA GLU A 300 1.02 -17.81 -3.85
C GLU A 300 -0.12 -16.87 -3.46
N VAL A 301 -0.04 -16.27 -2.28
CA VAL A 301 -1.08 -15.31 -1.83
C VAL A 301 -1.09 -14.12 -2.81
N ARG A 302 0.07 -13.58 -3.13
CA ARG A 302 0.18 -12.43 -4.07
C ARG A 302 -0.46 -12.82 -5.41
N GLU A 303 -0.16 -14.01 -5.95
CA GLU A 303 -0.76 -14.40 -7.24
C GLU A 303 -2.29 -14.39 -7.12
N MET A 304 -2.85 -14.91 -6.04
CA MET A 304 -4.31 -14.97 -5.92
C MET A 304 -4.87 -13.55 -5.76
N GLU A 305 -4.23 -12.68 -4.96
CA GLU A 305 -4.70 -11.27 -4.86
C GLU A 305 -4.66 -10.62 -6.26
N ALA A 306 -3.62 -10.90 -7.03
CA ALA A 306 -3.46 -10.32 -8.39
C ALA A 306 -4.59 -10.82 -9.31
N LYS A 307 -4.97 -12.08 -9.17
CA LYS A 307 -6.11 -12.58 -9.98
C LYS A 307 -7.40 -11.82 -9.63
N VAL A 308 -7.65 -11.66 -8.33
CA VAL A 308 -8.91 -10.99 -7.90
C VAL A 308 -8.90 -9.56 -8.42
N GLY A 309 -7.77 -8.87 -8.26
CA GLY A 309 -7.70 -7.48 -8.73
C GLY A 309 -7.94 -7.33 -10.23
N ALA A 310 -7.40 -8.26 -11.02
CA ALA A 310 -7.62 -8.24 -12.48
C ALA A 310 -9.11 -8.38 -12.77
N LEU A 311 -9.77 -9.27 -12.02
CA LEU A 311 -11.21 -9.50 -12.23
C LEU A 311 -12.02 -8.28 -11.77
N ILE A 312 -11.59 -7.64 -10.69
CA ILE A 312 -12.30 -6.43 -10.21
C ILE A 312 -12.26 -5.36 -11.29
N THR A 313 -11.08 -5.10 -11.86
CA THR A 313 -10.98 -4.04 -12.90
C THR A 313 -11.86 -4.41 -14.09
N THR A 314 -11.79 -5.67 -14.51
CA THR A 314 -12.60 -6.14 -15.67
C THR A 314 -14.10 -5.99 -15.38
N ILE A 315 -14.57 -6.49 -14.25
CA ILE A 315 -16.04 -6.47 -13.96
C ILE A 315 -16.49 -5.03 -13.65
N ASP A 316 -15.60 -4.21 -13.12
CA ASP A 316 -15.92 -2.77 -12.94
C ASP A 316 -16.32 -2.20 -14.30
N ASP A 317 -15.54 -2.50 -15.34
CA ASP A 317 -15.87 -2.03 -16.71
C ASP A 317 -17.17 -2.64 -17.22
N VAL A 318 -17.40 -3.92 -16.95
CA VAL A 318 -18.68 -4.56 -17.31
C VAL A 318 -19.83 -3.75 -16.73
N TYR A 319 -19.77 -3.42 -15.44
CA TYR A 319 -20.87 -2.74 -14.74
C TYR A 319 -20.92 -1.27 -15.16
N ASP A 320 -19.80 -0.68 -15.53
CA ASP A 320 -19.70 0.80 -15.71
C ASP A 320 -20.11 1.13 -17.15
N VAL A 321 -19.58 0.38 -18.11
CA VAL A 321 -19.62 0.73 -19.56
C VAL A 321 -20.46 -0.29 -20.35
N TYR A 322 -20.29 -1.60 -20.13
CA TYR A 322 -20.59 -2.65 -21.14
C TYR A 322 -21.98 -3.26 -20.98
N GLY A 323 -22.38 -3.66 -19.76
CA GLY A 323 -23.63 -4.40 -19.58
C GLY A 323 -24.86 -3.48 -19.57
N THR A 324 -26.00 -4.03 -19.98
CA THR A 324 -27.34 -3.42 -19.82
C THR A 324 -27.81 -3.65 -18.39
N MET A 325 -28.80 -2.91 -17.88
CA MET A 325 -29.25 -3.13 -16.49
C MET A 325 -29.75 -4.57 -16.27
N GLU A 326 -30.45 -5.18 -17.22
CA GLU A 326 -30.97 -6.57 -17.09
C GLU A 326 -29.77 -7.54 -17.00
N GLU A 327 -28.73 -7.29 -17.80
CA GLU A 327 -27.49 -8.15 -17.81
C GLU A 327 -26.86 -8.06 -16.42
N LEU A 328 -26.73 -6.86 -15.89
CA LEU A 328 -26.01 -6.61 -14.61
C LEU A 328 -26.83 -7.15 -13.44
N GLU A 329 -28.17 -7.00 -13.46
CA GLU A 329 -29.04 -7.62 -12.45
C GLU A 329 -28.88 -9.15 -12.45
N LEU A 330 -28.78 -9.77 -13.63
CA LEU A 330 -28.63 -11.24 -13.74
C LEU A 330 -27.23 -11.64 -13.22
N PHE A 331 -26.21 -10.93 -13.64
CA PHE A 331 -24.81 -11.15 -13.16
C PHE A 331 -24.82 -11.13 -11.63
N THR A 332 -25.43 -10.09 -11.06
CA THR A 332 -25.50 -9.92 -9.59
C THR A 332 -26.28 -11.07 -8.94
N ASP A 333 -27.42 -11.47 -9.49
CA ASP A 333 -28.25 -12.54 -8.90
C ASP A 333 -27.51 -13.88 -8.94
N ILE A 334 -26.92 -14.20 -10.08
CA ILE A 334 -26.09 -15.44 -10.24
C ILE A 334 -25.04 -15.48 -9.12
N THR A 335 -24.37 -14.35 -8.89
CA THR A 335 -23.25 -14.27 -7.90
C THR A 335 -23.80 -14.39 -6.48
N GLU A 336 -24.91 -13.72 -6.18
CA GLU A 336 -25.55 -13.77 -4.84
C GLU A 336 -25.95 -15.20 -4.53
N ARG A 337 -26.44 -15.94 -5.52
CA ARG A 337 -26.93 -17.32 -5.33
C ARG A 337 -25.79 -18.33 -5.49
N TRP A 338 -24.64 -17.91 -6.06
CA TRP A 338 -23.55 -18.82 -6.49
C TRP A 338 -24.16 -19.98 -7.29
N ASP A 339 -24.91 -19.63 -8.32
CA ASP A 339 -25.78 -20.56 -9.09
C ASP A 339 -25.73 -20.15 -10.54
N ILE A 340 -24.99 -20.90 -11.36
CA ILE A 340 -24.68 -20.49 -12.75
C ILE A 340 -25.64 -21.15 -13.77
N ASN A 341 -26.82 -21.60 -13.36
CA ASN A 341 -27.84 -22.16 -14.31
C ASN A 341 -28.17 -21.24 -15.48
N ARG A 342 -28.34 -19.95 -15.21
CA ARG A 342 -28.90 -18.94 -16.15
C ARG A 342 -27.78 -18.24 -16.89
N VAL A 343 -26.53 -18.71 -16.74
CA VAL A 343 -25.38 -17.92 -17.20
C VAL A 343 -25.42 -17.76 -18.72
N ASP A 344 -26.02 -18.70 -19.45
CA ASP A 344 -26.05 -18.68 -20.93
C ASP A 344 -27.03 -17.61 -21.46
N GLN A 345 -27.79 -16.96 -20.58
CA GLN A 345 -28.61 -15.77 -20.93
C GLN A 345 -27.70 -14.55 -21.11
N LEU A 346 -26.48 -14.55 -20.59
CA LEU A 346 -25.57 -13.42 -20.77
C LEU A 346 -24.85 -13.58 -22.09
N PRO A 347 -24.58 -12.46 -22.79
CA PRO A 347 -23.68 -12.50 -23.94
C PRO A 347 -22.26 -12.92 -23.54
N ARG A 348 -21.53 -13.46 -24.51
CA ARG A 348 -20.17 -14.03 -24.34
C ARG A 348 -19.26 -13.08 -23.56
N ASN A 349 -19.17 -11.80 -23.93
CA ASN A 349 -18.20 -10.86 -23.30
C ASN A 349 -18.58 -10.55 -21.85
N ILE A 350 -19.77 -10.89 -21.41
CA ILE A 350 -20.16 -10.77 -19.97
C ILE A 350 -20.08 -12.13 -19.29
N ARG A 351 -20.54 -13.19 -19.96
CA ARG A 351 -20.51 -14.57 -19.44
C ARG A 351 -19.06 -14.95 -19.08
N MET A 352 -18.08 -14.55 -19.87
CA MET A 352 -16.68 -15.02 -19.65
C MET A 352 -16.10 -14.37 -18.38
N PRO A 353 -16.23 -13.04 -18.19
CA PRO A 353 -15.85 -12.48 -16.89
C PRO A 353 -16.59 -13.12 -15.71
N LEU A 354 -17.90 -13.34 -15.81
CA LEU A 354 -18.66 -13.94 -14.71
C LEU A 354 -18.05 -15.30 -14.39
N LEU A 355 -17.89 -16.16 -15.38
CA LEU A 355 -17.49 -17.55 -15.06
C LEU A 355 -16.04 -17.53 -14.59
N THR A 356 -15.21 -16.58 -15.06
CA THR A 356 -13.82 -16.53 -14.59
C THR A 356 -13.83 -16.09 -13.12
N MET A 357 -14.66 -15.13 -12.74
CA MET A 357 -14.83 -14.72 -11.33
C MET A 357 -15.27 -15.92 -10.48
N PHE A 358 -16.21 -16.68 -10.99
CA PHE A 358 -16.77 -17.85 -10.29
C PHE A 358 -15.67 -18.90 -10.11
N ASN A 359 -15.04 -19.26 -11.21
CA ASN A 359 -14.00 -20.33 -11.19
C ASN A 359 -12.83 -19.92 -10.29
N THR A 360 -12.37 -18.67 -10.38
CA THR A 360 -11.19 -18.22 -9.62
C THR A 360 -11.58 -18.15 -8.14
N SER A 361 -12.79 -17.71 -7.81
CA SER A 361 -13.28 -17.65 -6.42
C SER A 361 -13.29 -19.07 -5.82
N ASN A 362 -13.81 -20.02 -6.57
CA ASN A 362 -13.81 -21.45 -6.18
C ASN A 362 -12.38 -21.94 -6.01
N ASP A 363 -11.47 -21.60 -6.94
CA ASP A 363 -10.06 -22.03 -6.84
C ASP A 363 -9.39 -21.49 -5.55
N ILE A 364 -9.66 -20.21 -5.24
CA ILE A 364 -9.05 -19.54 -4.07
C ILE A 364 -9.62 -20.14 -2.79
N GLY A 365 -10.94 -20.36 -2.73
CA GLY A 365 -11.56 -20.99 -1.55
C GLY A 365 -11.02 -22.40 -1.38
N TYR A 366 -10.80 -23.09 -2.49
CA TYR A 366 -10.24 -24.48 -2.48
C TYR A 366 -8.80 -24.48 -1.97
N TRP A 367 -7.98 -23.51 -2.38
CA TRP A 367 -6.59 -23.37 -1.87
C TRP A 367 -6.62 -23.26 -0.34
N ALA A 368 -7.57 -22.50 0.18
CA ALA A 368 -7.72 -22.38 1.65
C ALA A 368 -8.04 -23.76 2.25
N LEU A 369 -8.88 -24.55 1.59
CA LEU A 369 -9.22 -25.88 2.13
C LEU A 369 -7.97 -26.75 2.13
N LYS A 370 -7.29 -26.85 1.00
CA LYS A 370 -6.13 -27.75 0.81
C LYS A 370 -4.97 -27.31 1.71
N GLU A 371 -4.61 -26.03 1.69
CA GLU A 371 -3.39 -25.51 2.33
C GLU A 371 -3.65 -25.16 3.79
N ARG A 372 -4.83 -24.61 4.11
CA ARG A 372 -5.06 -23.98 5.43
C ARG A 372 -6.06 -24.77 6.26
N GLY A 373 -6.73 -25.77 5.67
CA GLY A 373 -7.69 -26.64 6.37
C GLY A 373 -9.10 -26.06 6.46
N PHE A 374 -9.42 -25.03 5.68
CA PHE A 374 -10.69 -24.29 5.86
C PHE A 374 -11.22 -23.95 4.46
N ASN A 375 -12.42 -24.39 4.14
CA ASN A 375 -13.04 -24.06 2.84
C ASN A 375 -13.40 -22.57 2.80
N GLY A 376 -12.76 -21.83 1.90
CA GLY A 376 -12.94 -20.37 1.81
C GLY A 376 -14.00 -19.99 0.80
N ILE A 377 -14.63 -20.92 0.08
CA ILE A 377 -15.55 -20.55 -1.02
C ILE A 377 -16.71 -19.71 -0.50
N PRO A 378 -17.28 -19.98 0.69
CA PRO A 378 -18.38 -19.16 1.18
C PRO A 378 -17.97 -17.69 1.29
N TYR A 379 -16.69 -17.44 1.60
CA TYR A 379 -16.18 -16.06 1.87
C TYR A 379 -15.79 -15.37 0.57
N THR A 380 -15.17 -16.08 -0.37
CA THR A 380 -14.90 -15.45 -1.68
C THR A 380 -16.22 -15.15 -2.39
N ALA A 381 -17.17 -16.08 -2.29
CA ALA A 381 -18.48 -15.89 -2.96
C ALA A 381 -19.15 -14.68 -2.30
N LYS A 382 -19.07 -14.58 -0.99
CA LYS A 382 -19.82 -13.52 -0.26
C LYS A 382 -19.22 -12.16 -0.69
N VAL A 383 -17.90 -12.00 -0.67
CA VAL A 383 -17.32 -10.64 -0.91
C VAL A 383 -17.57 -10.24 -2.37
N TRP A 384 -17.59 -11.20 -3.29
CA TRP A 384 -17.95 -10.88 -4.69
C TRP A 384 -19.42 -10.46 -4.78
N ALA A 385 -20.32 -11.14 -4.08
CA ALA A 385 -21.75 -10.74 -4.09
C ALA A 385 -21.89 -9.31 -3.53
N ASP A 386 -21.22 -9.00 -2.42
CA ASP A 386 -21.25 -7.64 -1.83
C ASP A 386 -20.74 -6.63 -2.83
N GLN A 387 -19.63 -6.92 -3.49
CA GLN A 387 -19.02 -5.99 -4.44
C GLN A 387 -19.97 -5.74 -5.61
N LEU A 388 -20.63 -6.78 -6.14
CA LEU A 388 -21.54 -6.56 -7.29
C LEU A 388 -22.80 -5.80 -6.84
N LYS A 389 -23.29 -6.04 -5.64
CA LYS A 389 -24.40 -5.24 -5.06
C LYS A 389 -23.96 -3.77 -5.00
N SER A 390 -22.72 -3.48 -4.57
CA SER A 390 -22.24 -2.09 -4.47
C SER A 390 -22.16 -1.48 -5.88
N TYR A 391 -21.76 -2.24 -6.90
CA TYR A 391 -21.72 -1.74 -8.30
C TYR A 391 -23.14 -1.46 -8.77
N THR A 392 -24.05 -2.38 -8.48
CA THR A 392 -25.49 -2.30 -8.84
C THR A 392 -26.11 -1.04 -8.22
N LYS A 393 -25.77 -0.71 -6.98
CA LYS A 393 -26.29 0.50 -6.31
C LYS A 393 -25.77 1.75 -7.02
N GLU A 394 -24.47 1.80 -7.32
CA GLU A 394 -23.90 2.93 -8.10
C GLU A 394 -24.65 3.03 -9.45
N ALA A 395 -24.89 1.92 -10.16
CA ALA A 395 -25.54 1.92 -11.49
C ALA A 395 -26.97 2.45 -11.35
N LYS A 396 -27.65 2.09 -10.26
CA LYS A 396 -29.05 2.53 -9.99
C LYS A 396 -29.05 4.04 -9.70
N TRP A 397 -28.10 4.51 -8.89
CA TRP A 397 -27.95 5.96 -8.61
C TRP A 397 -27.76 6.73 -9.92
N PHE A 398 -26.93 6.23 -10.81
CA PHE A 398 -26.62 6.93 -12.07
C PHE A 398 -27.89 6.96 -12.95
N HIS A 399 -28.53 5.81 -13.14
CA HIS A 399 -29.75 5.61 -13.97
C HIS A 399 -30.90 6.52 -13.49
N GLU A 400 -31.06 6.68 -12.17
CA GLU A 400 -32.18 7.44 -11.55
C GLU A 400 -31.77 8.89 -11.22
N GLY A 401 -30.55 9.30 -11.56
CA GLY A 401 -30.04 10.67 -11.30
C GLY A 401 -29.99 11.00 -9.81
N HIS A 402 -29.68 10.03 -8.96
CA HIS A 402 -29.57 10.27 -7.50
C HIS A 402 -28.25 10.99 -7.20
N LYS A 403 -28.30 11.98 -6.31
CA LYS A 403 -27.10 12.62 -5.70
C LYS A 403 -26.93 12.18 -4.26
N PRO A 404 -26.15 11.14 -3.94
CA PRO A 404 -25.97 10.77 -2.55
C PRO A 404 -25.20 11.84 -1.77
N THR A 405 -25.41 11.90 -0.46
CA THR A 405 -24.52 12.62 0.47
C THR A 405 -23.14 11.97 0.40
N LEU A 406 -22.08 12.67 0.81
CA LEU A 406 -20.74 12.04 0.91
C LEU A 406 -20.79 10.78 1.78
N GLU A 407 -21.45 10.81 2.94
CA GLU A 407 -21.51 9.63 3.84
C GLU A 407 -22.22 8.45 3.14
N GLU A 408 -23.34 8.70 2.48
CA GLU A 408 -24.13 7.67 1.77
C GLU A 408 -23.24 7.09 0.67
N TYR A 409 -22.57 7.96 -0.07
CA TYR A 409 -21.65 7.53 -1.15
C TYR A 409 -20.55 6.64 -0.55
N LEU A 410 -19.84 7.09 0.47
CA LEU A 410 -18.64 6.36 0.97
C LEU A 410 -19.06 5.02 1.57
N GLU A 411 -20.25 4.94 2.17
CA GLU A 411 -20.75 3.69 2.80
C GLU A 411 -20.79 2.60 1.74
N ASN A 412 -21.21 2.97 0.53
CA ASN A 412 -21.22 2.04 -0.61
C ASN A 412 -19.85 1.96 -1.31
N ALA A 413 -19.15 3.10 -1.49
CA ALA A 413 -17.94 3.20 -2.34
C ALA A 413 -16.73 2.56 -1.65
N LEU A 414 -16.74 2.40 -0.32
CA LEU A 414 -15.65 1.65 0.37
C LEU A 414 -15.79 0.16 0.02
N VAL A 415 -16.96 -0.28 -0.42
CA VAL A 415 -17.15 -1.68 -0.91
C VAL A 415 -16.84 -1.73 -2.40
N SER A 416 -17.30 -0.77 -3.19
CA SER A 416 -17.14 -0.81 -4.67
C SER A 416 -15.67 -0.71 -5.07
N ILE A 417 -14.82 -0.10 -4.26
CA ILE A 417 -13.37 0.06 -4.55
C ILE A 417 -12.71 -1.32 -4.61
N GLY A 418 -13.28 -2.34 -3.96
CA GLY A 418 -12.79 -3.72 -4.06
C GLY A 418 -11.90 -4.15 -2.91
N PHE A 419 -11.58 -3.26 -1.96
CA PHE A 419 -10.62 -3.62 -0.88
C PHE A 419 -11.26 -4.49 0.20
N PRO A 420 -12.60 -4.46 0.49
CA PRO A 420 -13.14 -5.52 1.36
C PRO A 420 -12.91 -6.92 0.76
N ASN A 421 -13.12 -7.04 -0.55
CA ASN A 421 -12.86 -8.29 -1.33
C ASN A 421 -11.39 -8.67 -1.17
N LEU A 422 -10.47 -7.75 -1.55
CA LEU A 422 -9.06 -8.10 -1.55
C LEU A 422 -8.59 -8.42 -0.12
N LEU A 423 -9.02 -7.65 0.87
CA LEU A 423 -8.48 -7.80 2.25
C LEU A 423 -9.08 -9.04 2.94
N VAL A 424 -10.37 -9.30 2.78
CA VAL A 424 -10.97 -10.51 3.37
C VAL A 424 -10.29 -11.72 2.74
N THR A 425 -10.09 -11.69 1.42
CA THR A 425 -9.40 -12.80 0.75
C THR A 425 -8.03 -12.99 1.38
N SER A 426 -7.25 -11.90 1.55
CA SER A 426 -5.87 -11.98 2.05
C SER A 426 -5.85 -12.54 3.48
N TYR A 427 -6.89 -12.26 4.26
CA TYR A 427 -7.01 -12.80 5.63
C TYR A 427 -7.34 -14.29 5.60
N LEU A 428 -8.31 -14.67 4.80
CA LEU A 428 -8.64 -16.09 4.53
C LEU A 428 -7.35 -16.86 4.26
N LEU A 429 -6.46 -16.37 3.37
CA LEU A 429 -5.31 -17.12 2.87
C LEU A 429 -4.16 -17.18 3.90
N THR A 430 -4.14 -16.28 4.89
CA THR A 430 -2.94 -16.10 5.75
C THR A 430 -3.21 -16.33 7.22
N VAL A 431 -4.42 -16.14 7.71
CA VAL A 431 -4.69 -16.22 9.18
C VAL A 431 -4.27 -17.61 9.69
N ASP A 432 -3.68 -17.69 10.88
CA ASP A 432 -3.41 -19.01 11.52
C ASP A 432 -4.73 -19.51 12.11
N ASN A 433 -5.02 -20.80 11.94
CA ASN A 433 -6.23 -21.46 12.54
C ASN A 433 -7.50 -20.72 12.09
N PRO A 434 -7.75 -20.61 10.77
CA PRO A 434 -8.96 -19.95 10.28
C PRO A 434 -10.18 -20.66 10.86
N THR A 435 -11.20 -19.90 11.19
CA THR A 435 -12.50 -20.37 11.69
C THR A 435 -13.59 -19.50 11.08
N LYS A 436 -14.83 -19.98 11.07
CA LYS A 436 -15.98 -19.17 10.65
C LYS A 436 -16.03 -17.90 11.52
N GLU A 437 -15.78 -17.99 12.83
CA GLU A 437 -15.88 -16.83 13.74
C GLU A 437 -14.88 -15.76 13.27
N LYS A 438 -13.66 -16.18 12.95
CA LYS A 438 -12.57 -15.27 12.54
C LYS A 438 -12.91 -14.63 11.19
N LEU A 439 -13.37 -15.40 10.22
CA LEU A 439 -13.68 -14.85 8.87
C LEU A 439 -14.90 -13.93 8.98
N ASP A 440 -15.90 -14.30 9.80
CA ASP A 440 -17.11 -13.48 9.97
C ASP A 440 -16.70 -12.11 10.56
N TYR A 441 -15.77 -12.06 11.49
CA TYR A 441 -15.32 -10.79 12.10
C TYR A 441 -14.66 -9.90 11.03
N VAL A 442 -13.67 -10.42 10.30
CA VAL A 442 -12.96 -9.62 9.25
C VAL A 442 -13.99 -9.17 8.20
N ASP A 443 -14.91 -10.03 7.81
CA ASP A 443 -15.92 -9.74 6.76
C ASP A 443 -16.91 -8.68 7.24
N SER A 444 -17.04 -8.48 8.55
CA SER A 444 -17.93 -7.41 9.11
C SER A 444 -17.26 -6.03 9.01
N LEU A 445 -16.00 -5.96 8.58
CA LEU A 445 -15.22 -4.68 8.38
C LEU A 445 -15.20 -3.89 9.68
N PRO A 446 -14.46 -4.38 10.67
CA PRO A 446 -14.19 -3.63 11.89
C PRO A 446 -13.37 -2.39 11.52
N LEU A 447 -13.29 -1.43 12.43
CA LEU A 447 -12.76 -0.09 12.10
C LEU A 447 -11.41 -0.18 11.36
N PHE A 448 -10.45 -0.98 11.83
CA PHE A 448 -9.08 -1.09 11.26
C PHE A 448 -9.20 -1.39 9.76
N VAL A 449 -10.00 -2.38 9.41
CA VAL A 449 -10.20 -2.79 8.00
C VAL A 449 -10.99 -1.73 7.24
N ARG A 450 -12.06 -1.23 7.81
CA ARG A 450 -12.94 -0.24 7.15
C ARG A 450 -12.14 1.05 6.84
N ALA A 451 -11.26 1.45 7.75
CA ALA A 451 -10.43 2.66 7.58
C ALA A 451 -9.61 2.50 6.30
N SER A 452 -9.01 1.32 6.13
CA SER A 452 -8.16 1.03 4.96
C SER A 452 -9.01 1.11 3.67
N CYS A 453 -10.19 0.53 3.69
CA CYS A 453 -11.10 0.51 2.53
C CYS A 453 -11.56 1.94 2.17
N ILE A 454 -11.94 2.72 3.18
CA ILE A 454 -12.33 4.14 2.94
C ILE A 454 -11.16 4.91 2.36
N LEU A 455 -9.97 4.76 2.94
CA LEU A 455 -8.77 5.44 2.38
C LEU A 455 -8.57 5.09 0.91
N CYS A 456 -8.58 3.81 0.56
CA CYS A 456 -8.31 3.37 -0.83
C CYS A 456 -9.32 4.03 -1.77
N ARG A 457 -10.58 4.12 -1.36
CA ARG A 457 -11.64 4.76 -2.16
C ARG A 457 -11.34 6.27 -2.29
N ILE A 458 -11.10 6.97 -1.18
CA ILE A 458 -10.97 8.45 -1.27
C ILE A 458 -9.67 8.84 -1.97
N ILE A 459 -8.60 8.08 -1.81
CA ILE A 459 -7.33 8.30 -2.55
C ILE A 459 -7.58 8.11 -4.06
N ASN A 460 -8.27 7.05 -4.45
CA ASN A 460 -8.63 6.83 -5.87
C ASN A 460 -9.38 8.07 -6.37
N ASP A 461 -10.40 8.48 -5.65
CA ASP A 461 -11.30 9.56 -6.11
C ASP A 461 -10.49 10.86 -6.22
N LEU A 462 -9.55 11.11 -5.32
CA LEU A 462 -8.69 12.33 -5.35
C LEU A 462 -7.75 12.30 -6.56
N GLY A 463 -7.46 11.11 -7.08
CA GLY A 463 -6.47 10.84 -8.14
C GLY A 463 -6.92 11.37 -9.49
N THR A 464 -8.21 11.70 -9.64
CA THR A 464 -8.71 12.54 -10.79
C THR A 464 -8.58 14.02 -10.43
N ASP A 473 -20.61 14.22 -12.85
CA ASP A 473 -20.50 12.93 -12.11
C ASP A 473 -20.74 13.20 -10.62
N ASN A 474 -21.96 12.93 -10.15
CA ASN A 474 -22.37 13.14 -8.74
C ASN A 474 -21.90 11.96 -7.87
N LEU A 475 -21.33 10.91 -8.51
CA LEU A 475 -20.90 9.67 -7.79
C LEU A 475 -19.37 9.60 -7.64
N LYS A 476 -18.69 10.67 -7.21
CA LYS A 476 -17.30 10.57 -6.67
C LYS A 476 -17.18 11.51 -5.46
N SER A 477 -16.17 11.31 -4.61
CA SER A 477 -16.06 11.93 -3.28
C SER A 477 -16.23 13.45 -3.34
N ILE A 478 -15.42 14.11 -4.15
CA ILE A 478 -15.34 15.60 -4.21
C ILE A 478 -16.73 16.11 -4.62
N GLN A 479 -17.30 15.55 -5.69
CA GLN A 479 -18.59 16.05 -6.26
C GLN A 479 -19.73 15.82 -5.26
N CYS A 480 -19.72 14.70 -4.53
CA CYS A 480 -20.75 14.43 -3.50
C CYS A 480 -20.70 15.52 -2.44
N TYR A 481 -19.49 15.88 -2.00
CA TYR A 481 -19.35 16.84 -0.89
C TYR A 481 -19.76 18.22 -1.42
N MET A 482 -19.44 18.50 -2.68
CA MET A 482 -19.85 19.76 -3.37
C MET A 482 -21.38 19.83 -3.38
N ASN A 483 -22.07 18.75 -3.76
CA ASN A 483 -23.56 18.69 -3.79
C ASN A 483 -24.13 18.90 -2.40
N GLU A 484 -23.54 18.27 -1.39
CA GLU A 484 -24.08 18.27 -0.02
C GLU A 484 -23.92 19.66 0.62
N THR A 485 -22.85 20.41 0.31
CA THR A 485 -22.44 21.61 1.11
C THR A 485 -22.44 22.90 0.27
N GLY A 486 -22.46 22.81 -1.06
CA GLY A 486 -22.20 23.93 -1.98
C GLY A 486 -20.74 24.41 -1.95
N ALA A 487 -19.81 23.67 -1.35
CA ALA A 487 -18.37 24.02 -1.39
C ALA A 487 -17.90 24.10 -2.84
N SER A 488 -16.88 24.92 -3.10
CA SER A 488 -16.09 24.94 -4.35
C SER A 488 -15.36 23.60 -4.50
N GLN A 489 -14.86 23.31 -5.69
CA GLN A 489 -14.00 22.13 -5.97
C GLN A 489 -12.80 22.18 -5.02
N GLU A 490 -12.16 23.36 -4.92
CA GLU A 490 -10.94 23.58 -4.11
C GLU A 490 -11.19 23.22 -2.64
N VAL A 491 -12.28 23.72 -2.08
CA VAL A 491 -12.64 23.56 -0.64
C VAL A 491 -13.08 22.11 -0.43
N ALA A 492 -13.86 21.53 -1.35
CA ALA A 492 -14.33 20.13 -1.24
C ALA A 492 -13.10 19.20 -1.31
N ARG A 493 -12.15 19.46 -2.21
CA ARG A 493 -10.89 18.67 -2.32
C ARG A 493 -10.12 18.79 -1.00
N GLU A 494 -10.03 19.99 -0.39
CA GLU A 494 -9.25 20.13 0.87
C GLU A 494 -9.95 19.35 1.98
N HIS A 495 -11.28 19.31 1.98
CA HIS A 495 -12.06 18.54 3.00
C HIS A 495 -11.73 17.03 2.86
N ILE A 496 -11.72 16.52 1.63
CA ILE A 496 -11.49 15.07 1.36
C ILE A 496 -10.03 14.76 1.70
N GLU A 497 -9.08 15.66 1.40
CA GLU A 497 -7.67 15.52 1.86
C GLU A 497 -7.62 15.42 3.39
N GLY A 498 -8.40 16.23 4.10
CA GLY A 498 -8.48 16.16 5.58
C GLY A 498 -9.00 14.82 6.08
N LEU A 499 -9.93 14.22 5.35
CA LEU A 499 -10.45 12.87 5.66
C LEU A 499 -9.34 11.83 5.45
N VAL A 500 -8.50 11.98 4.45
CA VAL A 500 -7.31 11.08 4.28
C VAL A 500 -6.45 11.16 5.54
N ARG A 501 -6.14 12.36 6.01
CA ARG A 501 -5.26 12.50 7.20
C ARG A 501 -5.94 11.89 8.43
N MET A 502 -7.24 12.11 8.59
CA MET A 502 -7.97 11.61 9.77
C MET A 502 -7.95 10.07 9.80
N TRP A 503 -8.28 9.43 8.68
CA TRP A 503 -8.35 7.94 8.63
C TRP A 503 -6.94 7.34 8.80
N TRP A 504 -5.88 8.00 8.32
CA TRP A 504 -4.51 7.54 8.62
C TRP A 504 -4.25 7.59 10.14
N LYS A 505 -4.66 8.68 10.79
CA LYS A 505 -4.43 8.78 12.26
C LYS A 505 -5.13 7.60 12.98
N ARG A 506 -6.32 7.23 12.55
CA ARG A 506 -7.08 6.08 13.12
C ARG A 506 -6.32 4.78 12.84
N LEU A 507 -5.79 4.58 11.63
CA LEU A 507 -4.95 3.37 11.35
C LEU A 507 -3.75 3.35 12.27
N ASN A 508 -3.06 4.49 12.40
CA ASN A 508 -1.83 4.60 13.20
C ASN A 508 -2.11 4.13 14.64
N LYS A 509 -3.19 4.63 15.20
CA LYS A 509 -3.52 4.34 16.62
C LYS A 509 -3.94 2.87 16.72
N CYS A 510 -4.75 2.39 15.78
CA CYS A 510 -5.19 0.99 15.79
C CYS A 510 -3.95 0.09 15.92
N LEU A 511 -2.78 0.48 15.38
CA LEU A 511 -1.57 -0.39 15.38
C LEU A 511 -0.88 -0.41 16.74
N PHE A 512 -1.14 0.55 17.60
CA PHE A 512 -0.64 0.51 19.01
C PHE A 512 -1.58 -0.26 19.92
N GLU A 513 -2.77 -0.54 19.42
CA GLU A 513 -3.76 -1.25 20.22
C GLU A 513 -3.55 -2.75 19.95
N PRO A 514 -3.76 -3.54 20.99
CA PRO A 514 -4.03 -4.96 20.82
C PRO A 514 -5.10 -5.18 19.75
N SER A 515 -4.86 -6.20 18.95
CA SER A 515 -5.68 -6.52 17.77
C SER A 515 -5.93 -8.02 17.73
N PRO A 516 -7.09 -8.46 17.25
CA PRO A 516 -7.33 -9.87 17.01
C PRO A 516 -6.56 -10.32 15.77
N PHE A 517 -5.97 -9.38 15.04
CA PHE A 517 -5.20 -9.63 13.79
C PHE A 517 -3.72 -9.77 14.11
N THR A 518 -3.01 -10.47 13.25
CA THR A 518 -1.55 -10.68 13.34
C THR A 518 -0.90 -10.31 11.99
N GLU A 519 0.41 -10.31 11.91
CA GLU A 519 1.11 -10.32 10.59
C GLU A 519 0.72 -11.62 9.87
N PRO A 520 0.65 -11.63 8.53
CA PRO A 520 0.93 -10.45 7.68
C PRO A 520 -0.30 -9.56 7.43
N PHE A 521 -1.48 -9.95 7.91
CA PHE A 521 -2.72 -9.15 7.67
C PHE A 521 -2.61 -7.72 8.18
N LEU A 522 -1.98 -7.49 9.32
CA LEU A 522 -1.77 -6.10 9.84
C LEU A 522 -1.07 -5.27 8.78
N SER A 523 -0.02 -5.79 8.18
CA SER A 523 0.76 -5.09 7.13
C SER A 523 -0.07 -4.93 5.86
N PHE A 524 -0.81 -5.94 5.45
CA PHE A 524 -1.61 -5.83 4.19
C PHE A 524 -2.53 -4.60 4.28
N THR A 525 -3.15 -4.42 5.44
CA THR A 525 -4.17 -3.39 5.66
C THR A 525 -3.55 -2.00 5.45
N ILE A 526 -2.34 -1.80 5.93
CA ILE A 526 -1.63 -0.51 5.76
C ILE A 526 -1.10 -0.40 4.32
N ASN A 527 -0.61 -1.51 3.79
CA ASN A 527 0.11 -1.46 2.49
C ASN A 527 -0.84 -1.27 1.32
N VAL A 528 -2.10 -1.71 1.37
CA VAL A 528 -3.06 -1.38 0.28
C VAL A 528 -3.25 0.12 0.19
N VAL A 529 -3.18 0.84 1.31
CA VAL A 529 -3.34 2.32 1.28
C VAL A 529 -2.12 2.95 0.61
N ARG A 530 -0.93 2.49 0.95
CA ARG A 530 0.33 2.97 0.34
C ARG A 530 0.32 2.69 -1.16
N GLY A 531 -0.15 1.51 -1.58
CA GLY A 531 -0.32 1.18 -3.00
C GLY A 531 -1.23 2.19 -3.67
N SER A 532 -2.34 2.52 -3.03
CA SER A 532 -3.28 3.54 -3.54
C SER A 532 -2.62 4.92 -3.68
N HIS A 533 -1.96 5.40 -2.65
CA HIS A 533 -1.24 6.70 -2.75
C HIS A 533 -0.29 6.68 -3.95
N PHE A 534 0.45 5.59 -4.13
CA PHE A 534 1.58 5.56 -5.07
C PHE A 534 1.01 5.62 -6.50
N PHE A 535 -0.12 4.97 -6.75
CA PHE A 535 -0.69 4.86 -8.10
C PHE A 535 -1.74 5.93 -8.39
N TYR A 536 -2.07 6.83 -7.45
CA TYR A 536 -3.09 7.90 -7.64
C TYR A 536 -2.50 9.26 -7.24
N GLN A 537 -1.25 9.52 -7.62
CA GLN A 537 -0.65 10.88 -7.41
C GLN A 537 -1.19 11.88 -8.45
N ALA A 545 1.41 9.78 -17.77
CA ALA A 545 0.94 8.76 -16.80
C ALA A 545 1.31 7.36 -17.31
N GLU A 546 1.14 7.08 -18.60
CA GLU A 546 1.44 5.74 -19.17
C GLU A 546 2.96 5.52 -19.21
N SER A 547 3.77 6.56 -19.45
CA SER A 547 5.24 6.45 -19.39
C SER A 547 5.68 6.30 -17.93
N TRP A 548 5.08 7.04 -16.98
CA TRP A 548 5.43 6.92 -15.54
C TRP A 548 5.15 5.48 -15.06
N THR A 549 3.99 4.94 -15.36
CA THR A 549 3.61 3.56 -14.97
C THR A 549 4.57 2.55 -15.58
N LYS A 550 4.78 2.62 -16.89
CA LYS A 550 5.67 1.70 -17.62
C LYS A 550 7.06 1.74 -16.97
N ASN A 551 7.58 2.94 -16.68
CA ASN A 551 8.89 3.10 -16.02
C ASN A 551 8.86 2.36 -14.69
N GLN A 552 7.79 2.50 -13.88
CA GLN A 552 7.74 1.83 -12.55
C GLN A 552 7.76 0.32 -12.78
N GLY A 553 6.93 -0.18 -13.70
CA GLY A 553 6.84 -1.62 -14.01
C GLY A 553 8.17 -2.16 -14.52
N MET A 554 8.81 -1.48 -15.47
CA MET A 554 10.08 -1.95 -16.06
C MET A 554 11.17 -1.92 -14.98
N SER A 555 11.28 -0.86 -14.18
CA SER A 555 12.40 -0.73 -13.22
C SER A 555 12.19 -1.66 -12.02
N VAL A 556 10.95 -1.92 -11.64
CA VAL A 556 10.74 -2.76 -10.44
C VAL A 556 10.64 -4.23 -10.85
N LEU A 557 10.00 -4.56 -11.96
CA LEU A 557 9.64 -5.98 -12.22
C LEU A 557 10.53 -6.59 -13.31
N ILE A 558 11.00 -5.79 -14.28
CA ILE A 558 11.58 -6.36 -15.54
C ILE A 558 13.11 -6.27 -15.52
N HIS A 559 13.70 -5.10 -15.30
CA HIS A 559 15.19 -4.93 -15.35
C HIS A 559 15.83 -5.21 -14.01
N PRO A 560 16.83 -6.11 -13.94
CA PRO A 560 17.60 -6.28 -12.72
C PRO A 560 18.44 -5.04 -12.46
N ILE A 561 18.86 -4.88 -11.22
CA ILE A 561 19.88 -3.86 -10.87
C ILE A 561 21.25 -4.40 -11.29
N THR A 562 22.05 -3.57 -11.97
CA THR A 562 23.43 -3.96 -12.37
C THR A 562 24.28 -4.13 -11.11
N LEU A 563 24.99 -5.26 -11.02
CA LEU A 563 25.91 -5.57 -9.89
C LEU A 563 27.36 -5.31 -10.34
#